data_5CZG
#
_entry.id   5CZG
#
_cell.length_a   36.766
_cell.length_b   36.766
_cell.length_c   162.210
_cell.angle_alpha   90.000
_cell.angle_beta   90.000
_cell.angle_gamma   90.000
#
_symmetry.space_group_name_H-M   'P 43 2 2'
#
loop_
_entity.id
_entity.type
_entity.pdbx_description
1 polymer 'Hypothetical Bromodomain'
2 non-polymer 'SODIUM ION'
3 non-polymer Bromosporine
4 non-polymer 'UNKNOWN ATOM OR ION'
5 water water
#
_entity_poly.entity_id   1
_entity_poly.type   'polypeptide(L)'
_entity_poly.pdbx_seq_one_letter_code
;GMSKNERDTSFNKNGCLVFVSRLWDLDKLGMFHHPVSAEELPDYHTVIKRPVDLSSIRDGIEKGTYATDVDVQNDVARMI
TNALEYNAKGSTWYQEAMSFRKTYLDLARQSGLVVD
;
_entity_poly.pdbx_strand_id   A
#
# COMPACT_ATOMS: atom_id res chain seq x y z
N GLY A 1 6.07 31.28 -8.06
CA GLY A 1 6.82 30.01 -8.18
C GLY A 1 6.35 28.91 -7.26
N MET A 2 7.15 27.87 -7.12
CA MET A 2 6.77 26.72 -6.32
C MET A 2 7.02 26.94 -4.86
N SER A 3 6.15 26.40 -4.03
CA SER A 3 6.39 26.39 -2.59
C SER A 3 7.58 25.48 -2.31
N LYS A 4 8.14 25.62 -1.11
CA LYS A 4 9.26 24.78 -0.72
C LYS A 4 8.86 23.31 -0.81
N ASN A 5 7.66 22.99 -0.34
CA ASN A 5 7.22 21.60 -0.39
C ASN A 5 7.02 21.12 -1.82
N GLU A 6 6.43 21.95 -2.66
CA GLU A 6 6.27 21.58 -4.07
C GLU A 6 7.62 21.37 -4.75
N ARG A 7 8.56 22.28 -4.50
CA ARG A 7 9.82 22.25 -5.23
C ARG A 7 10.73 21.07 -4.82
N ASP A 8 10.48 20.50 -3.65
CA ASP A 8 11.13 19.26 -3.22
C ASP A 8 10.30 18.06 -3.69
N THR A 9 10.68 17.49 -4.83
CA THR A 9 9.87 16.48 -5.47
C THR A 9 10.28 15.05 -5.09
N SER A 10 11.04 14.91 -4.00
CA SER A 10 11.33 13.57 -3.46
C SER A 10 10.04 12.94 -2.95
N PHE A 11 9.17 13.78 -2.41
CA PHE A 11 7.87 13.35 -1.89
C PHE A 11 6.80 14.29 -2.40
N ASN A 12 5.80 13.69 -3.01
CA ASN A 12 4.74 14.43 -3.64
C ASN A 12 3.44 14.00 -3.00
N LYS A 13 3.01 14.76 -1.99
CA LYS A 13 1.91 14.36 -1.12
C LYS A 13 0.61 14.04 -1.86
N ASN A 14 0.20 14.93 -2.74
CA ASN A 14 -1.09 14.75 -3.40
C ASN A 14 -1.05 13.58 -4.36
N GLY A 15 0.06 13.40 -5.07
CA GLY A 15 0.20 12.24 -5.94
C GLY A 15 0.11 10.95 -5.15
N CYS A 16 0.74 10.92 -3.98
CA CYS A 16 0.67 9.74 -3.12
C CYS A 16 -0.75 9.46 -2.61
N LEU A 17 -1.51 10.50 -2.30
CA LEU A 17 -2.91 10.30 -1.94
C LEU A 17 -3.75 9.74 -3.10
N VAL A 18 -3.49 10.21 -4.32
CA VAL A 18 -4.14 9.65 -5.49
C VAL A 18 -3.82 8.16 -5.59
N PHE A 19 -2.56 7.80 -5.46
CA PHE A 19 -2.11 6.42 -5.51
C PHE A 19 -2.86 5.55 -4.50
N VAL A 20 -2.93 5.98 -3.25
CA VAL A 20 -3.61 5.19 -2.24
C VAL A 20 -5.10 5.07 -2.56
N SER A 21 -5.72 6.13 -3.09
CA SER A 21 -7.13 6.07 -3.45
CA SER A 21 -7.12 6.08 -3.47
CA SER A 21 -7.12 6.06 -3.45
C SER A 21 -7.35 5.05 -4.56
N ARG A 22 -6.42 4.95 -5.51
CA ARG A 22 -6.56 3.95 -6.59
C ARG A 22 -6.47 2.53 -6.02
N LEU A 23 -5.54 2.30 -5.11
CA LEU A 23 -5.40 0.98 -4.49
C LEU A 23 -6.66 0.63 -3.69
N TRP A 24 -7.18 1.61 -2.98
CA TRP A 24 -8.37 1.44 -2.16
C TRP A 24 -9.51 0.96 -3.04
N ASP A 25 -9.67 1.56 -4.20
CA ASP A 25 -10.78 1.19 -5.08
C ASP A 25 -10.55 -0.13 -5.80
N LEU A 26 -9.29 -0.46 -6.06
CA LEU A 26 -8.95 -1.75 -6.69
C LEU A 26 -9.26 -2.91 -5.74
N ASP A 27 -9.25 -2.63 -4.46
CA ASP A 27 -9.38 -3.64 -3.43
C ASP A 27 -10.83 -4.00 -3.22
N LYS A 28 -11.30 -4.94 -4.02
CA LYS A 28 -12.70 -5.33 -4.03
C LYS A 28 -13.13 -5.93 -2.70
N LEU A 29 -12.25 -6.71 -2.08
CA LEU A 29 -12.60 -7.40 -0.83
C LEU A 29 -12.48 -6.45 0.35
N GLY A 30 -11.79 -5.35 0.14
CA GLY A 30 -11.45 -4.45 1.24
C GLY A 30 -10.39 -5.05 2.15
N MET A 31 -9.61 -5.99 1.62
CA MET A 31 -8.69 -6.76 2.47
C MET A 31 -7.50 -5.94 2.95
N PHE A 32 -7.11 -4.91 2.18
CA PHE A 32 -5.98 -4.06 2.51
C PHE A 32 -6.39 -2.72 3.11
N HIS A 33 -7.69 -2.50 3.28
CA HIS A 33 -8.19 -1.20 3.76
C HIS A 33 -7.74 -0.88 5.17
N HIS A 34 -7.78 -1.87 6.06
CA HIS A 34 -7.53 -1.67 7.48
C HIS A 34 -6.52 -2.68 8.00
N PRO A 35 -5.88 -2.39 9.13
CA PRO A 35 -4.90 -3.33 9.65
C PRO A 35 -5.50 -4.70 9.90
N VAL A 36 -4.69 -5.73 9.68
CA VAL A 36 -5.07 -7.06 10.14
C VAL A 36 -5.21 -7.02 11.66
N SER A 37 -6.37 -7.45 12.13
CA SER A 37 -6.67 -7.50 13.54
C SER A 37 -6.29 -8.88 14.08
N ALA A 38 -5.56 -8.93 15.18
CA ALA A 38 -5.23 -10.21 15.79
C ALA A 38 -6.47 -10.95 16.28
N GLU A 39 -7.56 -10.24 16.57
CA GLU A 39 -8.84 -10.88 16.89
C GLU A 39 -9.40 -11.65 15.72
N GLU A 40 -9.11 -11.21 14.50
CA GLU A 40 -9.59 -11.88 13.31
C GLU A 40 -8.61 -12.96 12.85
N LEU A 41 -7.31 -12.70 12.94
CA LEU A 41 -6.28 -13.67 12.56
C LEU A 41 -5.23 -13.78 13.67
N PRO A 42 -5.52 -14.60 14.71
CA PRO A 42 -4.58 -14.61 15.84
C PRO A 42 -3.24 -15.28 15.56
N ASP A 43 -3.08 -15.96 14.43
CA ASP A 43 -1.79 -16.57 14.09
C ASP A 43 -1.02 -15.75 13.06
N TYR A 44 -1.52 -14.55 12.76
CA TYR A 44 -0.91 -13.72 11.72
C TYR A 44 0.42 -13.10 12.10
N HIS A 45 0.49 -12.50 13.28
CA HIS A 45 1.66 -11.73 13.65
C HIS A 45 2.85 -12.60 14.06
N THR A 46 2.65 -13.90 14.21
CA THR A 46 3.82 -14.74 14.39
CA THR A 46 3.76 -14.85 14.35
C THR A 46 4.56 -14.88 13.06
N VAL A 47 3.86 -14.66 11.94
CA VAL A 47 4.47 -14.69 10.61
C VAL A 47 4.91 -13.30 10.15
N ILE A 48 4.03 -12.32 10.36
CA ILE A 48 4.17 -10.98 9.82
C ILE A 48 4.50 -10.00 10.96
N LYS A 49 5.77 -9.58 11.00
CA LYS A 49 6.27 -8.70 12.05
C LYS A 49 6.20 -7.23 11.67
N ARG A 50 5.92 -6.96 10.39
CA ARG A 50 5.80 -5.59 9.91
C ARG A 50 4.51 -5.39 9.13
N PRO A 51 3.37 -5.51 9.83
CA PRO A 51 2.09 -5.34 9.16
C PRO A 51 1.94 -3.92 8.67
N VAL A 52 1.24 -3.76 7.56
CA VAL A 52 0.88 -2.44 7.09
C VAL A 52 -0.37 -2.55 6.23
N ASP A 53 -1.10 -1.44 6.11
CA ASP A 53 -2.40 -1.41 5.44
C ASP A 53 -2.60 -0.03 4.82
N LEU A 54 -3.58 0.11 3.96
CA LEU A 54 -3.80 1.36 3.23
C LEU A 54 -4.20 2.53 4.13
N SER A 55 -4.97 2.27 5.17
CA SER A 55 -5.35 3.36 6.07
C SER A 55 -4.13 3.93 6.80
N SER A 56 -3.24 3.06 7.24
CA SER A 56 -2.01 3.48 7.92
C SER A 56 -1.09 4.24 6.96
N ILE A 57 -1.01 3.78 5.72
CA ILE A 57 -0.19 4.47 4.72
C ILE A 57 -0.77 5.85 4.44
N ARG A 58 -2.08 5.94 4.23
CA ARG A 58 -2.71 7.23 3.99
C ARG A 58 -2.44 8.20 5.14
N ASP A 59 -2.54 7.70 6.37
CA ASP A 59 -2.29 8.53 7.54
C ASP A 59 -0.86 9.08 7.52
N GLY A 60 0.11 8.24 7.15
CA GLY A 60 1.49 8.69 7.09
C GLY A 60 1.73 9.73 6.02
N ILE A 61 1.08 9.58 4.88
CA ILE A 61 1.16 10.57 3.82
C ILE A 61 0.59 11.90 4.30
N GLU A 62 -0.57 11.86 4.96
CA GLU A 62 -1.21 13.07 5.47
C GLU A 62 -0.36 13.78 6.51
N LYS A 63 0.28 13.00 7.38
CA LYS A 63 1.08 13.57 8.46
C LYS A 63 2.52 13.91 8.05
N GLY A 64 2.89 13.50 6.83
CA GLY A 64 4.19 13.85 6.26
C GLY A 64 5.35 13.06 6.83
N THR A 65 5.09 11.81 7.23
CA THR A 65 6.12 10.98 7.83
C THR A 65 6.91 10.14 6.82
N TYR A 66 6.50 10.15 5.56
CA TYR A 66 7.28 9.52 4.49
C TYR A 66 8.28 10.49 3.88
N ALA A 67 9.51 10.04 3.71
CA ALA A 67 10.57 10.87 3.17
C ALA A 67 10.46 11.01 1.65
N THR A 68 10.00 9.95 1.00
CA THR A 68 9.92 9.94 -0.45
C THR A 68 8.71 9.12 -0.94
N ASP A 69 8.34 9.36 -2.19
CA ASP A 69 7.32 8.56 -2.86
C ASP A 69 7.70 7.09 -2.89
N VAL A 70 8.98 6.81 -3.04
CA VAL A 70 9.42 5.42 -3.11
C VAL A 70 9.22 4.74 -1.76
N ASP A 71 9.37 5.48 -0.65
CA ASP A 71 9.09 4.87 0.65
C ASP A 71 7.60 4.50 0.80
N VAL A 72 6.72 5.29 0.23
CA VAL A 72 5.29 4.94 0.18
C VAL A 72 5.13 3.65 -0.61
N GLN A 73 5.75 3.58 -1.78
CA GLN A 73 5.70 2.37 -2.59
C GLN A 73 6.31 1.15 -1.89
N ASN A 74 7.35 1.36 -1.08
CA ASN A 74 7.95 0.27 -0.33
C ASN A 74 6.94 -0.34 0.64
N ASP A 75 6.14 0.53 1.27
CA ASP A 75 5.14 0.04 2.21
C ASP A 75 4.05 -0.71 1.45
N VAL A 76 3.68 -0.25 0.27
CA VAL A 76 2.70 -1.01 -0.52
C VAL A 76 3.28 -2.36 -0.95
N ALA A 77 4.52 -2.38 -1.42
CA ALA A 77 5.19 -3.61 -1.79
C ALA A 77 5.20 -4.60 -0.63
N ARG A 78 5.52 -4.10 0.56
CA ARG A 78 5.56 -4.97 1.74
C ARG A 78 4.17 -5.46 2.15
N MET A 79 3.17 -4.59 2.04
CA MET A 79 1.77 -4.96 2.28
C MET A 79 1.39 -6.18 1.45
N ILE A 80 1.77 -6.14 0.18
CA ILE A 80 1.42 -7.20 -0.76
C ILE A 80 2.23 -8.46 -0.45
N THR A 81 3.54 -8.29 -0.21
CA THR A 81 4.41 -9.42 0.10
C THR A 81 3.95 -10.10 1.38
N ASN A 82 3.54 -9.32 2.38
CA ASN A 82 3.04 -9.90 3.64
C ASN A 82 1.89 -10.84 3.35
N ALA A 83 0.98 -10.41 2.47
CA ALA A 83 -0.17 -11.25 2.15
C ALA A 83 0.24 -12.54 1.43
N LEU A 84 1.22 -12.45 0.55
CA LEU A 84 1.69 -13.63 -0.17
C LEU A 84 2.58 -14.55 0.68
N GLU A 85 3.17 -14.03 1.75
CA GLU A 85 3.93 -14.84 2.70
C GLU A 85 2.97 -15.60 3.63
N TYR A 86 1.94 -14.91 4.13
CA TYR A 86 1.03 -15.50 5.10
C TYR A 86 0.06 -16.50 4.47
N ASN A 87 -0.50 -16.13 3.32
CA ASN A 87 -1.63 -16.89 2.75
C ASN A 87 -1.19 -18.12 1.95
N ALA A 88 -2.13 -19.02 1.74
CA ALA A 88 -1.90 -20.27 1.00
C ALA A 88 -2.25 -20.06 -0.45
N LYS A 89 -1.33 -20.43 -1.33
CA LYS A 89 -1.56 -20.35 -2.77
C LYS A 89 -2.91 -20.96 -3.10
N GLY A 90 -3.71 -20.19 -3.84
CA GLY A 90 -5.03 -20.61 -4.24
C GLY A 90 -6.19 -19.95 -3.51
N SER A 91 -5.93 -19.36 -2.34
CA SER A 91 -7.02 -18.75 -1.55
C SER A 91 -7.46 -17.43 -2.16
N THR A 92 -8.62 -16.95 -1.73
CA THR A 92 -9.13 -15.70 -2.27
CA THR A 92 -9.16 -15.70 -2.23
C THR A 92 -8.18 -14.55 -1.94
N TRP A 93 -7.61 -14.56 -0.74
CA TRP A 93 -6.70 -13.50 -0.31
C TRP A 93 -5.42 -13.54 -1.14
N TYR A 94 -4.90 -14.74 -1.39
CA TYR A 94 -3.70 -14.91 -2.20
C TYR A 94 -3.95 -14.37 -3.61
N GLN A 95 -5.10 -14.67 -4.18
CA GLN A 95 -5.41 -14.26 -5.55
C GLN A 95 -5.48 -12.75 -5.65
N GLU A 96 -6.09 -12.11 -4.67
CA GLU A 96 -6.17 -10.66 -4.67
C GLU A 96 -4.78 -10.04 -4.53
N ALA A 97 -3.95 -10.61 -3.68
CA ALA A 97 -2.61 -10.10 -3.48
C ALA A 97 -1.78 -10.26 -4.76
N MET A 98 -1.96 -11.36 -5.49
CA MET A 98 -1.25 -11.55 -6.75
CA MET A 98 -1.22 -11.54 -6.73
C MET A 98 -1.59 -10.47 -7.75
N SER A 99 -2.87 -10.13 -7.82
CA SER A 99 -3.35 -9.09 -8.71
C SER A 99 -2.76 -7.75 -8.30
N PHE A 100 -2.70 -7.46 -7.01
CA PHE A 100 -2.07 -6.22 -6.56
C PHE A 100 -0.60 -6.17 -6.94
N ARG A 101 0.11 -7.28 -6.78
CA ARG A 101 1.55 -7.27 -7.07
C ARG A 101 1.80 -6.89 -8.53
N LYS A 102 0.93 -7.35 -9.43
CA LYS A 102 1.10 -7.11 -10.85
C LYS A 102 0.66 -5.73 -11.31
N THR A 103 -0.08 -5.01 -10.46
CA THR A 103 -0.63 -3.73 -10.92
CA THR A 103 -0.77 -3.77 -10.82
C THR A 103 -0.24 -2.51 -10.10
N TYR A 104 0.32 -2.68 -8.90
CA TYR A 104 0.53 -1.49 -8.06
C TYR A 104 1.49 -0.47 -8.65
N LEU A 105 2.53 -0.94 -9.33
CA LEU A 105 3.49 -0.01 -9.91
C LEU A 105 2.86 0.80 -11.03
N ASP A 106 2.01 0.16 -11.83
CA ASP A 106 1.27 0.87 -12.87
C ASP A 106 0.38 1.96 -12.29
N LEU A 107 -0.25 1.67 -11.16
CA LEU A 107 -1.06 2.67 -10.46
C LEU A 107 -0.22 3.81 -9.89
N ALA A 108 0.96 3.47 -9.36
CA ALA A 108 1.89 4.51 -8.89
C ALA A 108 2.27 5.44 -10.04
N ARG A 109 2.58 4.86 -11.20
CA ARG A 109 2.95 5.65 -12.36
C ARG A 109 1.81 6.53 -12.83
N GLN A 110 0.61 5.96 -12.93
CA GLN A 110 -0.54 6.72 -13.41
C GLN A 110 -0.82 7.88 -12.48
N SER A 111 -0.54 7.68 -11.20
CA SER A 111 -0.86 8.66 -10.16
C SER A 111 0.20 9.76 -10.02
N GLY A 112 1.29 9.65 -10.79
CA GLY A 112 2.29 10.71 -10.88
C GLY A 112 3.53 10.50 -10.04
N LEU A 113 3.68 9.32 -9.44
CA LEU A 113 4.82 9.03 -8.58
CA LEU A 113 4.83 9.06 -8.59
C LEU A 113 6.05 8.65 -9.38
N VAL A 114 7.21 8.84 -8.78
CA VAL A 114 8.46 8.40 -9.38
C VAL A 114 8.51 6.88 -9.32
N VAL A 115 8.72 6.25 -10.47
CA VAL A 115 8.77 4.80 -10.57
C VAL A 115 9.97 4.35 -11.40
#